data_1NRR
#
_entry.id   1NRR
#
_cell.length_a   71.300
_cell.length_b   72.200
_cell.length_c   72.300
_cell.angle_alpha   90.00
_cell.angle_beta   100.00
_cell.angle_gamma   90.00
#
_symmetry.space_group_name_H-M   'C 1 2 1'
#
loop_
_entity.id
_entity.type
_entity.pdbx_description
1 polymer 'Thrombin light chain'
2 polymer 'Thrombin heavy chain'
3 polymer 'Proteinase-activated receptor 1'
4 non-polymer D-phenylalanyl-N-[(2S,3S)-6-{[amino(iminio)methyl]amino}-1-chloro-2-hydroxyhexan-3-yl]-L-prolinamide
5 water water
#
loop_
_entity_poly.entity_id
_entity_poly.type
_entity_poly.pdbx_seq_one_letter_code
_entity_poly.pdbx_strand_id
1 'polypeptide(L)' TFGSGEADCGLRPLFEKKSLEDKTERELLESYIDGR L
2 'polypeptide(L)'
;IVEGSDAEIGMSPWQVMLFRKSPQELLCGASLISDRWVLTAAHCLLYPPWDKNFTENDLLVRIGKHSRTRYERNIEKISM
LEKIYIHPRYNWRENLDRDIALMKLKKPVAFSDYIHPVCLPDRETAASLLQAGYKGRVTGWGNLKETWTANVGKGQPSVL
QVVNLPIVERPVCKDSTRIRITDNMFCAGYKPDEGKRGDACEGDSGGPFVMKSPFNNRWYQMGIVSWGEGCDRDGKYGFY
THVFRLKKWIQKVIDQFGE
;
H
3 'polypeptide(L)' FLLRNPNDKYEPFWEDEE R
#
# COMPACT_ATOMS: atom_id res chain seq x y z
N ALA A 7 3.27 -3.73 18.11
CA ALA A 7 3.64 -4.60 19.28
C ALA A 7 4.53 -5.73 18.78
N ASP A 8 3.79 -6.51 18.03
CA ASP A 8 4.16 -7.65 17.22
C ASP A 8 4.20 -7.30 15.72
N CYS A 9 3.91 -6.04 15.50
CA CYS A 9 3.86 -5.48 14.15
C CYS A 9 5.14 -5.76 13.38
N GLY A 10 4.91 -5.94 12.09
CA GLY A 10 5.89 -6.13 11.03
C GLY A 10 6.63 -7.46 11.07
N LEU A 11 6.22 -8.39 11.96
CA LEU A 11 6.88 -9.71 12.09
C LEU A 11 5.90 -10.78 11.57
N ARG A 12 6.20 -11.25 10.41
CA ARG A 12 5.30 -12.18 9.74
C ARG A 12 5.33 -13.60 10.35
N PRO A 13 4.12 -14.05 10.70
CA PRO A 13 3.96 -15.43 11.19
C PRO A 13 4.63 -16.45 10.33
N LEU A 14 4.65 -16.47 9.00
CA LEU A 14 5.33 -17.56 8.26
C LEU A 14 6.78 -17.26 7.90
N PHE A 15 7.32 -16.13 8.29
CA PHE A 15 8.70 -15.82 7.84
C PHE A 15 9.56 -15.40 9.05
N GLU A 16 9.50 -14.14 9.48
CA GLU A 16 10.29 -13.68 10.62
C GLU A 16 10.16 -14.58 11.83
N LYS A 17 8.96 -14.80 12.30
CA LYS A 17 8.55 -15.64 13.40
C LYS A 17 9.16 -17.03 13.37
N LYS A 18 9.43 -17.55 12.20
CA LYS A 18 9.97 -18.91 12.04
C LYS A 18 11.41 -18.89 11.55
N SER A 19 11.87 -17.63 11.43
CA SER A 19 13.22 -17.38 10.92
C SER A 19 13.39 -17.86 9.47
N LEU A 20 12.36 -17.70 8.64
CA LEU A 20 12.37 -18.02 7.21
C LEU A 20 12.33 -16.66 6.48
N GLU A 21 13.07 -16.60 5.44
CA GLU A 21 13.14 -15.43 4.56
C GLU A 21 12.32 -15.67 3.28
N ASP A 22 11.68 -14.62 2.79
CA ASP A 22 10.99 -14.70 1.49
C ASP A 22 12.14 -14.56 0.45
N LYS A 23 11.73 -14.87 -0.75
CA LYS A 23 12.58 -14.91 -1.93
C LYS A 23 13.26 -13.64 -2.34
N THR A 24 12.79 -12.46 -1.94
CA THR A 24 13.53 -11.30 -2.46
C THR A 24 13.79 -10.26 -1.38
N GLU A 25 13.64 -10.68 -0.13
CA GLU A 25 13.87 -9.65 0.88
C GLU A 25 15.36 -9.32 0.99
N ARG A 26 16.27 -10.23 0.58
CA ARG A 26 17.73 -9.93 0.61
C ARG A 26 18.06 -8.70 -0.28
N GLU A 27 17.36 -8.62 -1.40
CA GLU A 27 17.44 -7.48 -2.35
C GLU A 27 17.19 -6.15 -1.64
N LEU A 28 16.24 -6.05 -0.73
CA LEU A 28 16.02 -4.85 0.05
C LEU A 28 17.19 -4.60 1.03
N LEU A 29 17.56 -5.61 1.80
CA LEU A 29 18.60 -5.40 2.82
C LEU A 29 19.92 -5.11 2.12
N GLU A 30 20.15 -5.59 0.92
CA GLU A 30 21.40 -5.32 0.20
C GLU A 30 21.48 -3.89 -0.29
N SER A 31 20.34 -3.29 -0.46
CA SER A 31 20.29 -1.90 -0.93
C SER A 31 20.57 -0.97 0.25
N TYR A 32 20.51 -1.50 1.49
CA TYR A 32 20.61 -0.43 2.52
C TYR A 32 22.05 -0.20 2.89
N ILE B 1 0.13 -4.00 -10.53
CA ILE B 1 1.56 -4.14 -10.60
C ILE B 1 2.02 -4.58 -12.00
N VAL B 2 2.99 -3.91 -12.53
CA VAL B 2 3.66 -4.10 -13.80
C VAL B 2 5.09 -4.56 -13.52
N GLU B 3 5.40 -5.69 -14.12
CA GLU B 3 6.74 -6.31 -14.02
C GLU B 3 7.10 -6.81 -12.62
N GLY B 4 6.07 -7.26 -11.92
CA GLY B 4 6.28 -7.81 -10.57
C GLY B 4 6.21 -9.34 -10.69
N SER B 5 5.85 -9.96 -9.59
CA SER B 5 5.70 -11.43 -9.61
C SER B 5 4.69 -11.76 -8.53
N ASP B 6 4.21 -12.95 -8.64
CA ASP B 6 3.19 -13.53 -7.72
C ASP B 6 3.79 -13.57 -6.31
N ALA B 7 3.07 -13.02 -5.38
CA ALA B 7 3.57 -13.05 -3.99
C ALA B 7 3.60 -14.54 -3.58
N GLU B 8 4.38 -14.74 -2.50
CA GLU B 8 4.42 -15.99 -1.80
C GLU B 8 3.30 -15.91 -0.75
N ILE B 9 2.88 -17.14 -0.44
CA ILE B 9 1.88 -17.21 0.64
C ILE B 9 2.50 -16.60 1.92
N GLY B 10 1.68 -15.79 2.52
CA GLY B 10 1.93 -15.05 3.76
C GLY B 10 2.97 -13.93 3.69
N MET B 11 3.49 -13.62 2.53
CA MET B 11 4.48 -12.56 2.31
C MET B 11 4.10 -11.14 2.75
N SER B 12 2.84 -10.83 2.60
CA SER B 12 2.32 -9.46 2.88
C SER B 12 0.95 -9.55 3.56
N PRO B 13 1.02 -9.97 4.85
CA PRO B 13 -0.18 -10.28 5.61
C PRO B 13 -1.02 -9.12 6.06
N TRP B 14 -0.59 -7.91 5.91
CA TRP B 14 -1.21 -6.62 6.25
C TRP B 14 -1.95 -6.12 4.98
N GLN B 15 -1.78 -6.83 3.89
CA GLN B 15 -2.40 -6.48 2.59
C GLN B 15 -3.91 -6.69 2.71
N VAL B 16 -4.64 -5.70 2.31
CA VAL B 16 -6.12 -5.66 2.36
C VAL B 16 -6.70 -5.33 0.97
N MET B 17 -7.85 -5.90 0.63
CA MET B 17 -8.58 -5.61 -0.62
C MET B 17 -9.74 -4.64 -0.35
N LEU B 18 -9.86 -3.56 -1.10
CA LEU B 18 -10.94 -2.55 -0.98
C LEU B 18 -11.96 -3.00 -2.04
N PHE B 19 -13.08 -3.44 -1.42
CA PHE B 19 -14.10 -4.10 -2.30
C PHE B 19 -15.46 -3.43 -2.27
N ARG B 20 -15.84 -3.17 -3.52
CA ARG B 20 -17.17 -2.58 -3.78
C ARG B 20 -18.26 -3.67 -3.68
N LYS B 21 -19.29 -3.33 -2.91
CA LYS B 21 -20.44 -4.23 -2.72
C LYS B 21 -21.21 -4.59 -3.99
N SER B 22 -21.48 -3.56 -4.78
CA SER B 22 -22.28 -3.72 -6.00
C SER B 22 -22.14 -2.54 -6.93
N PRO B 23 -21.65 -2.70 -8.14
CA PRO B 23 -21.17 -3.96 -8.69
C PRO B 23 -19.99 -4.40 -7.81
N GLN B 24 -19.79 -5.68 -7.65
CA GLN B 24 -18.67 -6.26 -6.88
C GLN B 24 -17.43 -5.86 -7.69
N GLU B 25 -16.51 -5.16 -7.01
CA GLU B 25 -15.31 -4.81 -7.82
C GLU B 25 -14.18 -4.41 -6.88
N LEU B 26 -13.00 -4.80 -7.32
CA LEU B 26 -11.79 -4.45 -6.65
C LEU B 26 -11.74 -2.93 -6.85
N LEU B 27 -11.54 -2.26 -5.75
CA LEU B 27 -11.42 -0.80 -5.77
C LEU B 27 -9.95 -0.39 -5.66
N CYS B 28 -9.30 -0.86 -4.61
CA CYS B 28 -7.94 -0.49 -4.28
C CYS B 28 -7.33 -1.48 -3.30
N GLY B 29 -6.08 -1.21 -2.99
CA GLY B 29 -5.37 -1.87 -1.91
C GLY B 29 -5.59 -0.99 -0.63
N ALA B 30 -5.10 -1.55 0.46
CA ALA B 30 -5.16 -0.92 1.79
C ALA B 30 -4.20 -1.76 2.66
N SER B 31 -3.96 -1.31 3.89
CA SER B 31 -3.10 -2.08 4.77
C SER B 31 -3.68 -2.04 6.19
N LEU B 32 -3.43 -3.14 6.88
CA LEU B 32 -3.87 -3.36 8.23
C LEU B 32 -2.76 -2.90 9.22
N ILE B 33 -3.11 -1.89 10.00
CA ILE B 33 -2.20 -1.31 10.98
C ILE B 33 -2.51 -1.70 12.42
N SER B 34 -3.68 -2.28 12.64
CA SER B 34 -4.10 -2.81 13.94
C SER B 34 -5.29 -3.74 13.61
N ASP B 35 -5.74 -4.34 14.72
CA ASP B 35 -6.89 -5.23 14.54
C ASP B 35 -8.17 -4.52 14.16
N ARG B 36 -8.27 -3.21 14.26
CA ARG B 36 -9.44 -2.39 13.91
C ARG B 36 -9.25 -1.31 12.81
N TRP B 37 -8.01 -0.95 12.49
CA TRP B 37 -7.70 0.14 11.55
C TRP B 37 -7.02 -0.27 10.24
N VAL B 38 -7.56 0.29 9.17
CA VAL B 38 -7.01 0.01 7.85
C VAL B 38 -6.58 1.34 7.22
N LEU B 39 -5.41 1.45 6.64
CA LEU B 39 -4.90 2.62 5.95
C LEU B 39 -5.08 2.45 4.41
N THR B 40 -5.47 3.56 3.79
CA THR B 40 -5.61 3.56 2.32
C THR B 40 -5.38 4.95 1.74
N ALA B 41 -5.43 5.09 0.41
CA ALA B 41 -5.29 6.41 -0.27
C ALA B 41 -6.67 7.09 -0.30
N ALA B 42 -6.77 8.32 0.15
CA ALA B 42 -8.06 9.06 0.12
C ALA B 42 -8.73 9.04 -1.28
N HIS B 43 -7.94 9.01 -2.36
CA HIS B 43 -8.59 9.04 -3.67
C HIS B 43 -9.36 7.72 -4.03
N CYS B 44 -9.15 6.69 -3.21
CA CYS B 44 -9.99 5.50 -3.45
C CYS B 44 -11.44 5.77 -3.00
N LEU B 45 -11.68 6.69 -2.11
CA LEU B 45 -12.98 6.98 -1.52
C LEU B 45 -13.69 8.15 -2.20
N LEU B 46 -12.89 9.18 -2.26
CA LEU B 46 -13.23 10.50 -2.76
C LEU B 46 -12.36 11.09 -3.88
N TYR B 47 -12.98 11.20 -5.01
CA TYR B 47 -12.41 11.74 -6.26
C TYR B 47 -13.57 12.27 -7.18
N PRO B 48 -13.97 13.49 -6.82
CA PRO B 48 -15.08 14.20 -7.47
C PRO B 48 -14.97 14.43 -8.96
N PRO B 49 -13.80 14.74 -9.50
CA PRO B 49 -13.68 14.83 -10.96
C PRO B 49 -14.18 13.58 -11.67
N TRP B 50 -14.17 12.45 -10.97
CA TRP B 50 -14.57 11.18 -11.57
C TRP B 50 -15.92 10.80 -10.95
N ASP B 51 -16.51 11.70 -10.18
CA ASP B 51 -17.77 11.37 -9.51
C ASP B 51 -17.64 10.23 -8.50
N LYS B 52 -16.47 10.00 -7.92
CA LYS B 52 -16.31 8.99 -6.86
C LYS B 52 -16.38 9.70 -5.50
N ASN B 53 -17.25 9.12 -4.70
CA ASN B 53 -17.49 9.53 -3.31
C ASN B 53 -18.05 8.32 -2.56
N PHE B 54 -17.27 7.42 -2.01
CA PHE B 54 -17.87 6.26 -1.33
C PHE B 54 -18.02 6.50 0.19
N THR B 55 -19.02 5.83 0.77
CA THR B 55 -19.38 5.80 2.16
C THR B 55 -19.17 4.41 2.78
N GLU B 56 -19.15 4.33 4.08
CA GLU B 56 -18.98 3.16 4.92
C GLU B 56 -19.74 1.98 4.30
N ASN B 57 -20.96 2.30 3.96
CA ASN B 57 -21.94 1.43 3.38
C ASN B 57 -21.66 0.96 1.96
N ASP B 58 -20.81 1.66 1.26
CA ASP B 58 -20.51 1.27 -0.12
C ASP B 58 -19.54 0.12 -0.19
N LEU B 59 -18.81 -0.06 0.91
CA LEU B 59 -17.72 -1.03 0.86
C LEU B 59 -17.63 -2.13 1.90
N LEU B 60 -16.75 -3.04 1.55
CA LEU B 60 -16.21 -4.14 2.30
C LEU B 60 -14.67 -4.04 2.13
N VAL B 61 -14.07 -4.68 3.10
CA VAL B 61 -12.65 -4.94 3.27
C VAL B 61 -12.51 -6.49 3.38
N ARG B 62 -11.58 -6.99 2.62
CA ARG B 62 -11.18 -8.36 2.55
C ARG B 62 -9.71 -8.46 2.95
N ILE B 63 -9.48 -9.22 4.04
CA ILE B 63 -8.18 -9.45 4.62
C ILE B 63 -7.67 -10.88 4.58
N GLY B 64 -6.36 -11.03 4.38
CA GLY B 64 -5.67 -12.31 4.36
C GLY B 64 -5.82 -13.01 3.02
N LYS B 65 -6.16 -12.24 1.98
CA LYS B 65 -6.34 -12.78 0.64
C LYS B 65 -5.04 -13.04 -0.13
N HIS B 66 -5.21 -13.90 -1.15
CA HIS B 66 -4.08 -14.20 -2.07
C HIS B 66 -4.63 -14.10 -3.50
N SER B 67 -5.64 -14.94 -3.76
CA SER B 67 -6.32 -14.94 -5.05
C SER B 67 -7.14 -13.64 -5.14
N ARG B 68 -7.10 -13.03 -6.33
CA ARG B 68 -7.88 -11.82 -6.60
C ARG B 68 -9.38 -12.04 -6.46
N THR B 69 -9.89 -12.88 -7.29
CA THR B 69 -11.28 -13.33 -7.49
C THR B 69 -11.90 -14.44 -6.71
N ARG B 70 -11.17 -15.43 -6.22
CA ARG B 70 -11.74 -16.48 -5.39
C ARG B 70 -12.11 -16.12 -3.98
N TYR B 71 -13.17 -16.70 -3.43
CA TYR B 71 -13.56 -16.51 -2.02
C TYR B 71 -12.64 -17.45 -1.22
N GLU B 72 -11.68 -17.04 -0.45
CA GLU B 72 -10.67 -17.91 0.26
C GLU B 72 -11.19 -18.32 1.60
N ARG B 73 -11.91 -19.50 1.36
CA ARG B 73 -12.98 -20.03 2.21
C ARG B 73 -12.56 -20.20 3.67
N ASN B 74 -11.34 -20.57 4.03
CA ASN B 74 -11.13 -20.60 5.51
C ASN B 74 -9.93 -19.72 5.90
N ILE B 75 -9.46 -18.84 5.01
CA ILE B 75 -8.30 -17.97 5.11
C ILE B 75 -8.69 -16.49 5.26
N GLU B 76 -9.41 -15.94 4.32
CA GLU B 76 -9.77 -14.53 4.31
C GLU B 76 -10.87 -14.21 5.29
N LYS B 77 -10.92 -12.99 5.78
CA LYS B 77 -11.87 -12.33 6.66
C LYS B 77 -12.41 -11.10 5.87
N ILE B 78 -13.75 -10.98 5.85
CA ILE B 78 -14.45 -9.93 5.16
C ILE B 78 -14.92 -8.98 6.27
N SER B 79 -14.76 -7.68 6.14
CA SER B 79 -15.26 -6.89 7.28
C SER B 79 -15.93 -5.65 6.64
N MET B 80 -16.85 -5.18 7.45
CA MET B 80 -17.65 -4.00 7.17
C MET B 80 -16.98 -2.83 7.91
N LEU B 81 -17.20 -1.67 7.35
CA LEU B 81 -16.67 -0.47 7.95
C LEU B 81 -17.72 0.23 8.84
N GLU B 82 -17.12 0.72 9.91
CA GLU B 82 -17.82 1.50 10.92
C GLU B 82 -17.68 2.96 10.53
N LYS B 83 -16.46 3.36 10.16
CA LYS B 83 -16.22 4.77 9.86
C LYS B 83 -14.98 5.02 9.01
N ILE B 84 -15.19 5.89 8.07
CA ILE B 84 -14.19 6.41 7.15
C ILE B 84 -13.65 7.79 7.55
N TYR B 85 -12.39 8.07 7.56
CA TYR B 85 -11.82 9.37 7.87
C TYR B 85 -10.83 9.76 6.76
N ILE B 86 -11.11 10.89 6.17
CA ILE B 86 -10.28 11.46 5.10
C ILE B 86 -9.47 12.64 5.63
N HIS B 87 -8.21 12.71 5.25
CA HIS B 87 -7.41 13.87 5.63
C HIS B 87 -8.19 15.14 5.20
N PRO B 88 -8.37 16.04 6.15
CA PRO B 88 -9.06 17.30 5.96
C PRO B 88 -8.42 18.21 4.90
N ARG B 89 -7.11 18.19 4.71
CA ARG B 89 -6.44 18.95 3.67
C ARG B 89 -6.00 18.12 2.49
N TYR B 90 -6.67 16.98 2.27
CA TYR B 90 -6.43 16.14 1.08
C TYR B 90 -6.81 16.99 -0.16
N ASN B 91 -5.93 17.09 -1.12
CA ASN B 91 -6.09 17.94 -2.31
C ASN B 91 -6.39 17.19 -3.61
N TRP B 92 -7.66 16.98 -3.81
CA TRP B 92 -8.16 16.25 -4.98
C TRP B 92 -8.20 17.22 -6.15
N ARG B 93 -8.30 18.51 -5.85
CA ARG B 93 -8.38 19.53 -6.86
C ARG B 93 -7.05 19.62 -7.61
N GLU B 94 -5.88 19.53 -6.97
CA GLU B 94 -4.71 19.74 -7.82
C GLU B 94 -3.77 18.59 -7.95
N ASN B 95 -3.25 18.08 -6.81
CA ASN B 95 -2.20 17.07 -6.95
C ASN B 95 -2.25 15.85 -6.07
N LEU B 96 -3.38 15.58 -5.42
CA LEU B 96 -3.48 14.41 -4.54
C LEU B 96 -2.56 14.60 -3.34
N ASP B 97 -2.27 15.86 -3.02
CA ASP B 97 -1.45 16.13 -1.81
C ASP B 97 -2.19 15.52 -0.61
N ARG B 98 -1.47 14.86 0.26
CA ARG B 98 -2.13 14.21 1.43
C ARG B 98 -3.14 13.11 1.03
N ASP B 99 -2.67 12.24 0.12
CA ASP B 99 -3.68 11.18 -0.38
C ASP B 99 -3.74 10.04 0.67
N ILE B 100 -4.50 10.22 1.73
CA ILE B 100 -4.47 9.24 2.85
C ILE B 100 -5.86 9.28 3.51
N ALA B 101 -6.23 8.14 4.11
CA ALA B 101 -7.52 7.94 4.78
C ALA B 101 -7.34 6.73 5.69
N LEU B 102 -8.12 6.81 6.75
CA LEU B 102 -8.26 5.74 7.73
C LEU B 102 -9.69 5.19 7.66
N MET B 103 -9.72 3.87 7.83
CA MET B 103 -10.99 3.13 7.86
C MET B 103 -11.02 2.38 9.21
N LYS B 104 -12.05 2.60 9.99
CA LYS B 104 -12.31 1.94 11.28
C LYS B 104 -13.30 0.77 11.01
N LEU B 105 -12.80 -0.41 11.38
CA LEU B 105 -13.54 -1.65 11.17
C LEU B 105 -14.65 -1.79 12.24
N LYS B 106 -15.78 -2.34 11.86
CA LYS B 106 -16.91 -2.60 12.77
C LYS B 106 -16.48 -3.38 14.02
N LYS B 107 -15.88 -4.54 13.79
CA LYS B 107 -15.37 -5.44 14.86
C LYS B 107 -13.91 -5.75 14.46
N PRO B 108 -13.07 -5.98 15.43
CA PRO B 108 -11.67 -6.26 15.18
C PRO B 108 -11.50 -7.62 14.50
N VAL B 109 -10.39 -7.72 13.78
CA VAL B 109 -10.07 -8.97 13.11
C VAL B 109 -9.07 -9.72 14.03
N ALA B 110 -9.16 -11.02 13.79
CA ALA B 110 -8.24 -11.96 14.47
C ALA B 110 -7.11 -12.22 13.48
N PHE B 111 -5.95 -11.99 14.02
CA PHE B 111 -4.63 -12.11 13.36
C PHE B 111 -4.40 -13.58 13.16
N SER B 112 -3.79 -14.01 12.14
CA SER B 112 -3.52 -15.42 11.82
C SER B 112 -2.19 -15.41 11.05
N ASP B 113 -1.87 -16.52 10.48
CA ASP B 113 -0.74 -16.74 9.62
C ASP B 113 -0.80 -15.83 8.37
N TYR B 114 -2.00 -15.51 7.95
CA TYR B 114 -2.26 -14.74 6.76
C TYR B 114 -2.70 -13.29 6.99
N ILE B 115 -2.94 -13.02 8.27
CA ILE B 115 -3.40 -11.72 8.76
C ILE B 115 -2.56 -11.16 9.92
N HIS B 116 -1.89 -10.05 9.63
CA HIS B 116 -0.97 -9.45 10.64
C HIS B 116 -0.65 -8.02 10.27
N PRO B 117 -0.64 -7.10 11.25
CA PRO B 117 -0.44 -5.68 10.92
C PRO B 117 1.06 -5.40 10.65
N VAL B 118 1.23 -4.34 9.88
CA VAL B 118 2.55 -3.77 9.55
C VAL B 118 2.85 -2.67 10.63
N CYS B 119 4.08 -2.30 10.85
CA CYS B 119 4.41 -1.16 11.73
C CYS B 119 4.36 0.20 10.99
N LEU B 120 4.01 1.21 11.74
CA LEU B 120 4.06 2.63 11.30
C LEU B 120 5.47 3.12 11.69
N PRO B 121 6.13 3.83 10.78
CA PRO B 121 7.46 4.35 11.06
C PRO B 121 7.46 5.43 12.19
N ASP B 122 8.62 5.48 12.80
CA ASP B 122 9.05 6.44 13.79
C ASP B 122 10.08 7.37 13.09
N ARG B 123 10.11 8.58 13.63
CA ARG B 123 11.01 9.64 13.15
C ARG B 123 12.39 9.09 12.79
N GLU B 124 12.90 8.27 13.63
CA GLU B 124 14.23 7.68 13.47
C GLU B 124 14.26 6.64 12.38
N THR B 125 13.25 5.79 12.31
CA THR B 125 13.21 4.76 11.25
C THR B 125 13.07 5.47 9.86
N ALA B 126 12.22 6.48 9.81
CA ALA B 126 12.05 7.22 8.54
C ALA B 126 13.35 7.81 8.00
N ALA B 127 14.08 8.35 8.98
CA ALA B 127 15.32 9.05 8.76
C ALA B 127 16.33 8.06 8.20
N SER B 128 16.40 6.90 8.84
CA SER B 128 17.42 6.00 8.24
C SER B 128 16.97 5.33 6.95
N LEU B 129 15.73 5.07 6.73
CA LEU B 129 15.43 4.25 5.54
C LEU B 129 14.99 5.08 4.34
N LEU B 130 14.53 6.27 4.62
CA LEU B 130 14.02 6.99 3.40
C LEU B 130 15.11 7.76 2.71
N GLN B 131 15.92 7.10 1.93
CA GLN B 131 17.06 7.56 1.17
C GLN B 131 17.01 7.05 -0.29
N ALA B 132 17.52 7.94 -1.18
CA ALA B 132 17.52 7.62 -2.62
C ALA B 132 18.39 6.36 -2.75
N GLY B 133 17.98 5.44 -3.60
CA GLY B 133 18.72 4.19 -3.70
C GLY B 133 18.20 3.05 -2.83
N TYR B 134 17.61 3.34 -1.70
CA TYR B 134 17.10 2.25 -0.82
C TYR B 134 15.82 1.68 -1.47
N LYS B 135 15.71 0.37 -1.41
CA LYS B 135 14.51 -0.24 -2.04
C LYS B 135 13.43 -0.56 -1.00
N GLY B 136 12.22 -0.40 -1.46
CA GLY B 136 10.98 -0.74 -0.73
C GLY B 136 10.27 -1.75 -1.65
N ARG B 137 9.12 -2.21 -1.19
CA ARG B 137 8.27 -3.23 -1.80
C ARG B 137 6.80 -2.77 -1.83
N VAL B 138 6.28 -2.97 -3.03
CA VAL B 138 4.89 -2.61 -3.34
C VAL B 138 4.10 -3.88 -3.66
N THR B 139 2.87 -3.93 -3.19
CA THR B 139 2.02 -5.10 -3.51
C THR B 139 0.64 -4.61 -3.94
N GLY B 140 0.01 -5.52 -4.77
CA GLY B 140 -1.36 -5.19 -5.17
C GLY B 140 -1.89 -6.13 -6.27
N TRP B 141 -3.19 -5.95 -6.48
CA TRP B 141 -3.95 -6.68 -7.47
C TRP B 141 -4.30 -5.85 -8.70
N GLY B 142 -3.67 -4.69 -8.86
CA GLY B 142 -3.97 -3.81 -10.03
C GLY B 142 -3.43 -4.38 -11.36
N ASN B 143 -3.66 -3.51 -12.30
CA ASN B 143 -3.32 -3.71 -13.70
C ASN B 143 -1.87 -4.20 -13.77
N LEU B 144 -1.74 -5.11 -14.69
CA LEU B 144 -0.48 -5.74 -15.05
C LEU B 144 0.20 -4.90 -16.11
N LYS B 145 -0.62 -4.09 -16.73
CA LYS B 145 -0.06 -3.25 -17.83
C LYS B 145 -0.76 -1.94 -17.98
N GLU B 146 -0.08 -0.96 -18.56
CA GLU B 146 -0.74 0.35 -18.80
C GLU B 146 -1.96 0.16 -19.75
N GLY B 155 -4.25 -8.07 -17.83
CA GLY B 155 -4.31 -6.78 -17.09
C GLY B 155 -4.52 -6.95 -15.59
N GLN B 156 -5.42 -7.86 -15.28
CA GLN B 156 -5.71 -8.20 -13.87
C GLN B 156 -4.95 -9.50 -13.60
N PRO B 157 -4.26 -9.50 -12.46
CA PRO B 157 -3.45 -10.68 -12.15
C PRO B 157 -4.40 -11.74 -11.55
N SER B 158 -3.95 -12.99 -11.41
CA SER B 158 -4.83 -13.93 -10.67
C SER B 158 -4.50 -13.97 -9.17
N VAL B 159 -3.26 -13.69 -8.83
CA VAL B 159 -2.76 -13.69 -7.43
C VAL B 159 -2.10 -12.35 -7.13
N LEU B 160 -2.02 -12.01 -5.84
CA LEU B 160 -1.31 -10.79 -5.38
C LEU B 160 0.09 -10.69 -6.03
N GLN B 161 0.42 -9.46 -6.47
CA GLN B 161 1.72 -9.18 -7.13
C GLN B 161 2.67 -8.39 -6.22
N VAL B 162 3.97 -8.55 -6.44
CA VAL B 162 4.93 -7.82 -5.61
C VAL B 162 6.00 -7.21 -6.49
N VAL B 163 6.59 -6.10 -6.18
CA VAL B 163 7.74 -5.52 -6.88
C VAL B 163 8.60 -4.73 -5.86
N ASN B 164 9.89 -4.82 -5.96
CA ASN B 164 10.92 -4.14 -5.18
C ASN B 164 11.40 -2.93 -6.01
N LEU B 165 11.22 -1.73 -5.50
CA LEU B 165 11.59 -0.48 -6.21
C LEU B 165 12.41 0.43 -5.29
N PRO B 166 13.35 1.12 -5.93
CA PRO B 166 14.25 1.97 -5.15
C PRO B 166 13.61 3.32 -5.00
N ILE B 167 13.95 3.98 -3.93
CA ILE B 167 13.52 5.40 -3.80
C ILE B 167 14.43 6.25 -4.74
N VAL B 168 13.80 7.29 -5.28
CA VAL B 168 14.45 8.24 -6.21
C VAL B 168 14.58 9.61 -5.56
N GLU B 169 15.68 10.32 -5.83
CA GLU B 169 15.94 11.67 -5.32
C GLU B 169 14.85 12.67 -5.69
N ARG B 170 14.47 13.55 -4.80
CA ARG B 170 13.45 14.55 -5.02
C ARG B 170 13.50 15.28 -6.37
N PRO B 171 14.68 15.75 -6.76
CA PRO B 171 14.86 16.56 -7.99
C PRO B 171 14.54 15.71 -9.20
N VAL B 172 14.99 14.48 -9.14
CA VAL B 172 14.63 13.60 -10.28
C VAL B 172 13.08 13.44 -10.38
N CYS B 173 12.48 13.36 -9.16
CA CYS B 173 11.03 13.20 -9.13
C CYS B 173 10.38 14.40 -9.81
N LYS B 174 10.75 15.57 -9.30
CA LYS B 174 10.27 16.83 -9.80
C LYS B 174 10.40 17.03 -11.33
N ASP B 175 11.57 16.71 -11.86
CA ASP B 175 11.85 16.86 -13.28
C ASP B 175 11.13 15.88 -14.23
N SER B 176 10.46 14.89 -13.63
CA SER B 176 9.77 13.85 -14.40
C SER B 176 8.31 14.25 -14.68
N THR B 177 7.79 15.27 -13.99
CA THR B 177 6.35 15.55 -14.25
C THR B 177 6.12 17.05 -14.25
N ARG B 178 4.95 17.43 -14.63
CA ARG B 178 4.46 18.79 -14.64
C ARG B 178 3.61 18.96 -13.38
N ILE B 179 3.37 17.90 -12.64
CA ILE B 179 2.55 17.96 -11.42
C ILE B 179 3.45 18.49 -10.31
N ARG B 180 2.86 19.40 -9.55
CA ARG B 180 3.48 20.01 -8.38
C ARG B 180 3.63 19.00 -7.23
N ILE B 181 4.82 18.55 -6.93
CA ILE B 181 5.24 17.54 -5.92
C ILE B 181 5.23 18.21 -4.54
N THR B 182 4.97 17.61 -3.43
CA THR B 182 4.97 18.35 -2.11
C THR B 182 5.80 17.44 -1.19
N ASP B 183 6.09 17.88 -0.01
CA ASP B 183 6.84 17.11 0.96
C ASP B 183 6.01 15.91 1.43
N ASN B 184 4.71 15.81 1.20
CA ASN B 184 3.91 14.65 1.60
C ASN B 184 3.98 13.55 0.56
N MET B 185 4.95 13.62 -0.34
CA MET B 185 5.06 12.60 -1.38
C MET B 185 6.53 12.26 -1.63
N PHE B 186 6.79 11.09 -2.15
CA PHE B 186 8.06 10.60 -2.58
C PHE B 186 7.77 9.79 -3.85
N CYS B 187 8.86 9.68 -4.67
CA CYS B 187 8.61 8.83 -5.91
C CYS B 187 9.58 7.65 -5.82
N ALA B 188 9.36 6.63 -6.58
CA ALA B 188 10.18 5.42 -6.64
C ALA B 188 10.04 4.77 -8.01
N GLY B 189 11.04 4.01 -8.38
CA GLY B 189 11.28 3.25 -9.61
C GLY B 189 12.79 3.43 -10.01
N TYR B 190 13.02 2.62 -11.03
CA TYR B 190 14.28 2.54 -11.78
C TYR B 190 14.30 3.63 -12.85
N LYS B 191 15.52 4.05 -13.06
CA LYS B 191 15.97 5.04 -14.07
C LYS B 191 16.15 4.18 -15.31
N PRO B 192 15.85 4.79 -16.44
CA PRO B 192 15.83 4.06 -17.73
C PRO B 192 17.17 3.44 -18.04
N ASP B 193 18.17 4.18 -17.55
CA ASP B 193 19.53 3.72 -17.76
C ASP B 193 19.65 2.39 -17.01
N GLU B 194 18.99 2.28 -15.83
CA GLU B 194 19.24 1.14 -14.91
C GLU B 194 18.73 -0.19 -15.48
N GLY B 195 17.87 -0.13 -16.46
CA GLY B 195 17.36 -1.34 -17.16
C GLY B 195 17.01 -2.54 -16.22
N LYS B 196 16.02 -2.23 -15.46
CA LYS B 196 15.30 -3.07 -14.48
C LYS B 196 14.02 -2.29 -14.42
N ARG B 197 12.88 -2.90 -14.32
CA ARG B 197 11.65 -2.08 -14.30
C ARG B 197 10.60 -2.65 -13.37
N GLY B 198 9.40 -2.00 -13.49
CA GLY B 198 8.27 -2.33 -12.63
C GLY B 198 7.71 -1.05 -11.99
N ASP B 199 6.43 -1.19 -11.61
CA ASP B 199 5.72 -0.03 -11.01
C ASP B 199 4.35 -0.48 -10.49
N ALA B 200 3.72 0.36 -9.76
CA ALA B 200 2.33 0.21 -9.31
C ALA B 200 1.58 0.65 -10.61
N CYS B 201 0.30 0.68 -10.68
CA CYS B 201 -0.57 1.01 -11.77
C CYS B 201 -1.99 1.17 -11.20
N GLU B 202 -2.95 1.53 -12.09
CA GLU B 202 -4.32 1.70 -11.55
C GLU B 202 -4.81 0.38 -10.94
N GLY B 203 -5.53 0.56 -9.84
CA GLY B 203 -6.05 -0.51 -9.02
C GLY B 203 -5.14 -0.81 -7.85
N ASP B 204 -3.90 -0.38 -7.82
CA ASP B 204 -2.88 -0.50 -6.82
C ASP B 204 -2.98 0.60 -5.75
N SER B 205 -3.60 1.73 -6.01
CA SER B 205 -3.70 2.73 -4.93
C SER B 205 -4.11 2.18 -3.56
N GLY B 206 -3.63 2.86 -2.53
CA GLY B 206 -3.93 2.47 -1.13
C GLY B 206 -3.03 1.29 -0.71
N GLY B 207 -2.44 0.56 -1.60
CA GLY B 207 -1.48 -0.49 -1.26
C GLY B 207 -0.25 0.13 -0.58
N PRO B 208 0.38 -0.66 0.31
CA PRO B 208 1.51 -0.15 1.08
C PRO B 208 2.85 -0.19 0.34
N PHE B 209 3.63 0.88 0.59
CA PHE B 209 5.08 0.82 0.18
C PHE B 209 5.80 0.40 1.48
N VAL B 210 6.44 -0.73 1.59
CA VAL B 210 7.03 -1.18 2.87
C VAL B 210 8.55 -1.37 2.84
N MET B 211 9.15 -1.22 4.02
CA MET B 211 10.63 -1.43 4.14
C MET B 211 10.88 -2.35 5.33
N LYS B 212 11.95 -3.11 5.25
CA LYS B 212 12.25 -4.03 6.37
C LYS B 212 13.36 -3.43 7.21
N SER B 213 13.19 -3.12 8.47
CA SER B 213 14.35 -2.54 9.17
C SER B 213 15.48 -3.56 9.43
N PRO B 214 16.68 -3.06 9.10
CA PRO B 214 17.91 -3.83 9.29
C PRO B 214 18.24 -3.80 10.80
N PHE B 215 17.68 -2.95 11.60
CA PHE B 215 17.97 -2.83 13.04
C PHE B 215 17.17 -3.81 13.87
N ASN B 216 15.86 -3.86 13.55
CA ASN B 216 15.02 -4.79 14.35
C ASN B 216 14.25 -5.86 13.55
N ASN B 217 14.49 -6.02 12.26
CA ASN B 217 13.92 -6.99 11.34
C ASN B 217 12.40 -6.92 11.17
N ARG B 218 11.83 -5.76 11.46
CA ARG B 218 10.43 -5.48 11.33
C ARG B 218 10.02 -4.78 10.02
N TRP B 219 8.87 -5.09 9.48
CA TRP B 219 8.44 -4.41 8.24
C TRP B 219 7.79 -3.07 8.59
N TYR B 220 8.12 -2.00 7.90
CA TYR B 220 7.43 -0.72 8.26
C TYR B 220 6.69 -0.16 7.08
N GLN B 221 5.55 0.42 7.19
CA GLN B 221 4.90 1.07 6.02
C GLN B 221 5.49 2.49 5.84
N MET B 222 6.20 2.77 4.79
CA MET B 222 6.77 4.13 4.56
C MET B 222 5.89 4.93 3.60
N GLY B 223 5.17 4.19 2.74
CA GLY B 223 4.35 4.81 1.71
C GLY B 223 3.01 4.12 1.46
N ILE B 224 2.24 4.89 0.71
CA ILE B 224 0.96 4.40 0.18
C ILE B 224 0.95 4.73 -1.33
N VAL B 225 0.69 3.81 -2.20
CA VAL B 225 0.49 4.00 -3.64
C VAL B 225 -0.56 5.10 -3.91
N SER B 226 0.01 6.11 -4.63
CA SER B 226 -0.84 7.32 -4.82
C SER B 226 -1.20 7.66 -6.23
N TRP B 227 -0.18 7.98 -7.04
CA TRP B 227 -0.44 8.38 -8.43
C TRP B 227 0.79 8.13 -9.29
N GLY B 228 0.51 8.19 -10.58
CA GLY B 228 1.57 8.05 -11.63
C GLY B 228 0.98 8.50 -12.95
N GLU B 229 1.78 8.58 -13.95
CA GLU B 229 1.29 8.94 -15.32
C GLU B 229 1.69 7.82 -16.25
N GLY B 230 0.69 7.07 -16.57
CA GLY B 230 0.99 5.79 -17.36
C GLY B 230 1.43 4.79 -16.25
N CYS B 231 1.92 3.64 -16.61
CA CYS B 231 2.49 2.59 -15.72
C CYS B 231 3.75 2.11 -16.41
N ASP B 232 4.85 2.10 -15.71
CA ASP B 232 6.18 1.60 -16.12
C ASP B 232 6.80 2.26 -17.37
N ARG B 233 6.51 3.55 -17.52
CA ARG B 233 7.08 4.30 -18.64
C ARG B 233 8.51 4.70 -18.27
N ASP B 234 9.43 4.70 -19.22
CA ASP B 234 10.82 5.15 -18.98
C ASP B 234 10.84 6.62 -18.56
N GLY B 235 11.61 7.05 -17.58
CA GLY B 235 11.59 8.47 -17.27
C GLY B 235 10.49 8.96 -16.37
N LYS B 236 9.53 8.11 -16.10
CA LYS B 236 8.40 8.33 -15.18
C LYS B 236 8.56 7.60 -13.86
N TYR B 237 7.92 7.98 -12.75
CA TYR B 237 8.04 7.26 -11.48
C TYR B 237 6.70 7.19 -10.75
N GLY B 238 6.52 6.17 -9.91
CA GLY B 238 5.33 6.02 -9.09
C GLY B 238 5.45 7.05 -7.92
N PHE B 239 4.35 7.67 -7.56
CA PHE B 239 4.29 8.63 -6.46
C PHE B 239 3.49 7.97 -5.30
N TYR B 240 4.03 8.27 -4.09
CA TYR B 240 3.45 7.64 -2.87
C TYR B 240 3.25 8.67 -1.79
N THR B 241 2.22 8.49 -0.99
CA THR B 241 1.94 9.31 0.16
C THR B 241 3.00 8.98 1.22
N HIS B 242 3.63 10.04 1.69
CA HIS B 242 4.67 9.92 2.74
C HIS B 242 4.05 9.78 4.13
N VAL B 243 4.02 8.54 4.58
CA VAL B 243 3.32 8.15 5.83
C VAL B 243 3.88 8.83 7.11
N PHE B 244 5.17 8.90 7.18
CA PHE B 244 5.78 9.45 8.38
C PHE B 244 5.28 10.89 8.60
N ARG B 245 5.28 11.57 7.45
CA ARG B 245 4.85 12.97 7.42
C ARG B 245 3.40 13.19 7.86
N LEU B 246 2.48 12.28 7.61
CA LEU B 246 1.08 12.38 7.99
C LEU B 246 0.76 11.64 9.30
N LYS B 247 1.78 11.17 9.96
CA LYS B 247 1.82 10.43 11.20
C LYS B 247 1.02 11.04 12.34
N LYS B 248 1.17 12.36 12.49
CA LYS B 248 0.43 12.99 13.61
C LYS B 248 -1.06 12.95 13.37
N TRP B 249 -1.46 13.09 12.12
CA TRP B 249 -2.89 13.06 11.79
C TRP B 249 -3.38 11.65 12.07
N ILE B 250 -2.64 10.62 11.70
CA ILE B 250 -3.03 9.24 11.95
C ILE B 250 -3.19 9.09 13.48
N GLN B 251 -2.23 9.47 14.27
CA GLN B 251 -2.24 9.33 15.73
C GLN B 251 -3.47 9.99 16.34
N LYS B 252 -3.59 11.21 15.82
CA LYS B 252 -4.69 12.10 16.20
C LYS B 252 -6.02 11.41 15.95
N VAL B 253 -6.24 10.74 14.79
CA VAL B 253 -7.57 10.14 14.67
C VAL B 253 -7.77 8.90 15.54
N ILE B 254 -6.76 8.12 15.73
CA ILE B 254 -6.88 6.91 16.55
C ILE B 254 -6.99 7.31 18.02
N ASP B 255 -6.28 8.38 18.39
CA ASP B 255 -6.43 8.80 19.78
C ASP B 255 -7.84 9.32 20.01
N GLN B 256 -8.54 9.93 19.08
CA GLN B 256 -9.89 10.47 19.21
C GLN B 256 -11.06 9.50 19.01
N PHE B 257 -10.79 8.50 18.19
CA PHE B 257 -11.89 7.53 17.93
C PHE B 257 -11.40 6.08 18.15
N LYS C 9 -15.14 -12.13 -12.40
CA LYS C 9 -15.03 -13.57 -12.04
C LYS C 9 -15.04 -13.79 -10.53
N TYR C 10 -15.46 -12.80 -9.76
CA TYR C 10 -15.54 -12.85 -8.30
C TYR C 10 -16.52 -13.89 -7.79
N GLU C 11 -15.96 -14.80 -7.03
CA GLU C 11 -16.69 -15.84 -6.30
C GLU C 11 -17.37 -15.14 -5.13
N PRO C 12 -18.65 -15.42 -5.04
CA PRO C 12 -19.51 -14.85 -3.97
C PRO C 12 -18.92 -15.26 -2.64
N PHE C 13 -19.46 -14.66 -1.58
CA PHE C 13 -18.83 -15.02 -0.28
C PHE C 13 -19.70 -16.05 0.46
#